data_6DB8
#
_entry.id   6DB8
#
_cell.length_a   109.158
_cell.length_b   118.442
_cell.length_c   119.310
_cell.angle_alpha   90.000
_cell.angle_beta   90.000
_cell.angle_gamma   90.000
#
_symmetry.space_group_name_H-M   'C 2 2 21'
#
loop_
_entity.id
_entity.type
_entity.pdbx_description
1 polymer 'Fab-Heavy chain'
2 polymer 'RNA (60-MER)'
3 polymer 'Fab-Light chain'
4 non-polymer 2-[(Z)-(3-methyl-1,3-benzoxazol-2(3H)-ylidene)methyl]-3-(3-sulfopropyl)-1,3-benzothiazol-3-ium
5 water water
#
loop_
_entity_poly.entity_id
_entity_poly.type
_entity_poly.pdbx_seq_one_letter_code
_entity_poly.pdbx_strand_id
1 'polypeptide(L)'
;EISEVQLVESGGGLVQPGGSLRLSCAASGFYISYSSIHWVRQAPGKGLEWVASISPYSGSTYYADSVKGRFTISADTSKN
TAYLQMNSLRAEDTAVYYCARQGYRRRSGRGFDYWGQGTLVTVSSASTKGPSVFPLAPSSKSTSGGTAALGCLVKDYFPE
PVTVSWNSGALTSGVHTFPAVLQSSGLYSLSSVVTVPSSSLGTQTYICNVNHKPSNTKVDKKVEPKSCDKTH
;
H
2 'polyribonucleotide' GGAUGCGCCUUGAAAAGCCUGCGAAACACGCAGCUGGUGAAUGACAGCUAUGGCGCAUCC R
3 'polypeptide(L)'
;DIQMTQSPSSLSASVGDRVTITCRASQSVSSAVAWYQQKPGKAPKLLIYSASSLYSGVPSRFSGSRSGTDFTLTISSLQP
EDFATYYCQQSYSFPSTFGQGTKVEIKRTVAAPSVFIFPPSDEQLKSGTASVVCLLNNFYPREAKVQWKVDNALQSGNSQ
ESVTEQDSKDSTYSLSSTLTLSKADYEKHKVYACEVTHQGLSSPVTKSFNRG
;
L
#
loop_
_chem_comp.id
_chem_comp.type
_chem_comp.name
_chem_comp.formula
A RNA linking ADENOSINE-5'-MONOPHOSPHATE 'C10 H14 N5 O7 P'
C RNA linking CYTIDINE-5'-MONOPHOSPHATE 'C9 H14 N3 O8 P'
G RNA linking GUANOSINE-5'-MONOPHOSPHATE 'C10 H14 N5 O8 P'
G4A non-polymer 2-[(Z)-(3-methyl-1,3-benzoxazol-2(3H)-ylidene)methyl]-3-(3-sulfopropyl)-1,3-benzothiazol-3-ium 'C19 H19 N2 O4 S2 1'
U RNA linking URIDINE-5'-MONOPHOSPHATE 'C9 H13 N2 O9 P'
#
# COMPACT_ATOMS: atom_id res chain seq x y z
N ILE A 2 -4.25 32.86 2.22
CA ILE A 2 -3.73 31.79 3.06
C ILE A 2 -2.82 30.87 2.25
N SER A 3 -1.93 30.17 2.95
CA SER A 3 -1.11 29.11 2.36
C SER A 3 -1.06 27.95 3.34
N GLU A 4 -1.76 26.87 3.01
CA GLU A 4 -1.76 25.70 3.86
C GLU A 4 -0.42 24.98 3.78
N VAL A 5 -0.01 24.38 4.90
CA VAL A 5 1.25 23.65 4.92
C VAL A 5 1.15 22.43 4.02
N GLN A 6 2.12 22.28 3.12
CA GLN A 6 2.12 21.15 2.20
C GLN A 6 3.56 20.75 1.90
N LEU A 7 3.77 19.45 1.70
CA LEU A 7 5.02 18.92 1.20
C LEU A 7 4.71 18.09 -0.02
N VAL A 8 5.27 18.47 -1.16
CA VAL A 8 4.99 17.80 -2.43
C VAL A 8 6.30 17.27 -3.00
N GLU A 9 6.42 15.94 -3.07
CA GLU A 9 7.63 15.31 -3.53
C GLU A 9 7.57 15.03 -5.03
N SER A 10 8.75 15.06 -5.66
CA SER A 10 8.87 14.75 -7.07
C SER A 10 10.22 14.11 -7.32
N GLY A 11 10.37 13.54 -8.51
CA GLY A 11 11.63 12.97 -8.93
C GLY A 11 11.72 11.46 -8.86
N GLY A 12 10.70 10.78 -8.36
CA GLY A 12 10.74 9.34 -8.27
C GLY A 12 10.59 8.68 -9.63
N GLY A 13 10.99 7.43 -9.71
CA GLY A 13 10.85 6.67 -10.93
C GLY A 13 11.89 5.56 -11.00
N LEU A 14 12.02 5.00 -12.20
CA LEU A 14 12.95 3.92 -12.47
C LEU A 14 14.31 4.49 -12.88
N VAL A 15 15.36 3.92 -12.30
CA VAL A 15 16.72 4.33 -12.62
C VAL A 15 17.63 3.11 -12.56
N GLN A 16 18.58 3.04 -13.49
CA GLN A 16 19.57 1.97 -13.50
C GLN A 16 20.44 2.04 -12.25
N PRO A 17 20.97 0.91 -11.78
CA PRO A 17 21.91 0.93 -10.65
C PRO A 17 23.18 1.69 -10.98
N GLY A 18 23.91 2.03 -9.92
CA GLY A 18 25.16 2.77 -10.05
C GLY A 18 25.03 4.22 -10.42
N GLY A 19 23.84 4.69 -10.79
CA GLY A 19 23.66 6.06 -11.25
C GLY A 19 23.29 6.99 -10.12
N SER A 20 22.81 8.17 -10.51
CA SER A 20 22.42 9.22 -9.58
C SER A 20 21.00 9.66 -9.87
N LEU A 21 20.25 9.97 -8.82
CA LEU A 21 18.89 10.46 -8.95
C LEU A 21 18.61 11.38 -7.79
N ARG A 22 17.95 12.50 -8.05
CA ARG A 22 17.61 13.45 -6.99
C ARG A 22 16.11 13.52 -6.78
N LEU A 23 15.70 13.54 -5.51
CA LEU A 23 14.32 13.75 -5.12
C LEU A 23 14.14 15.16 -4.59
N SER A 24 12.99 15.76 -4.89
CA SER A 24 12.67 17.09 -4.40
C SER A 24 11.44 17.05 -3.50
N CYS A 25 11.42 17.97 -2.54
CA CYS A 25 10.37 18.08 -1.52
C CYS A 25 10.01 19.56 -1.45
N ALA A 26 8.97 19.95 -2.17
CA ALA A 26 8.58 21.35 -2.31
C ALA A 26 7.62 21.70 -1.19
N ALA A 27 8.03 22.64 -0.32
CA ALA A 27 7.24 23.05 0.82
C ALA A 27 6.38 24.25 0.48
N SER A 28 5.15 24.25 1.01
CA SER A 28 4.28 25.41 1.00
C SER A 28 3.79 25.68 2.41
N GLY A 29 3.51 26.95 2.69
CA GLY A 29 2.91 27.35 3.95
C GLY A 29 3.88 27.66 5.07
N PHE A 30 5.17 27.43 4.87
CA PHE A 30 6.17 27.79 5.87
C PHE A 30 7.50 28.07 5.16
N TYR A 31 8.48 28.52 5.95
CA TYR A 31 9.80 28.91 5.45
C TYR A 31 10.75 27.76 5.72
N ILE A 32 11.19 27.07 4.66
CA ILE A 32 11.86 25.79 4.83
C ILE A 32 13.19 25.92 5.57
N SER A 33 13.91 27.04 5.40
CA SER A 33 15.21 27.14 6.06
C SER A 33 15.10 27.36 7.57
N TYR A 34 13.91 27.69 8.07
CA TYR A 34 13.69 27.83 9.50
C TYR A 34 13.06 26.58 10.11
N SER A 35 13.00 25.48 9.36
CA SER A 35 12.43 24.22 9.84
C SER A 35 13.45 23.10 9.65
N SER A 36 13.15 21.96 10.26
CA SER A 36 13.97 20.76 10.11
C SER A 36 13.27 19.81 9.15
N ILE A 37 13.98 19.37 8.13
CA ILE A 37 13.40 18.49 7.13
C ILE A 37 14.11 17.14 7.17
N HIS A 38 13.35 16.06 7.10
CA HIS A 38 13.88 14.70 7.15
C HIS A 38 13.44 13.92 5.92
N TRP A 39 14.29 12.99 5.52
CA TRP A 39 13.95 11.97 4.54
C TRP A 39 13.91 10.62 5.24
N VAL A 40 12.85 9.86 4.94
CA VAL A 40 12.54 8.56 5.52
C VAL A 40 12.08 7.67 4.38
N ARG A 41 12.57 6.44 4.30
CA ARG A 41 12.19 5.57 3.21
C ARG A 41 11.60 4.26 3.72
N GLN A 42 10.88 3.57 2.83
CA GLN A 42 10.20 2.32 3.16
C GLN A 42 10.30 1.39 1.96
N ALA A 43 11.14 0.37 2.08
CA ALA A 43 11.20 -0.66 1.06
C ALA A 43 9.90 -1.44 1.05
N PRO A 44 9.43 -1.88 -0.13
CA PRO A 44 8.13 -2.57 -0.21
C PRO A 44 8.02 -3.72 0.78
N GLY A 45 6.94 -3.69 1.57
CA GLY A 45 6.71 -4.68 2.59
C GLY A 45 7.54 -4.55 3.85
N LYS A 46 8.39 -3.53 3.95
CA LYS A 46 9.33 -3.43 5.06
C LYS A 46 9.00 -2.20 5.91
N GLY A 47 9.84 -1.95 6.91
CA GLY A 47 9.60 -0.90 7.87
C GLY A 47 10.13 0.45 7.43
N LEU A 48 9.78 1.48 8.21
CA LEU A 48 10.29 2.82 7.97
C LEU A 48 11.77 2.88 8.30
N GLU A 49 12.53 3.56 7.43
CA GLU A 49 13.96 3.76 7.66
C GLU A 49 14.28 5.23 7.55
N TRP A 50 14.74 5.83 8.65
CA TRP A 50 15.21 7.20 8.60
C TRP A 50 16.46 7.27 7.75
N VAL A 51 16.56 8.31 6.92
CA VAL A 51 17.57 8.40 5.88
C VAL A 51 18.48 9.60 6.11
N ALA A 52 17.91 10.77 6.39
CA ALA A 52 18.74 11.96 6.48
C ALA A 52 17.90 13.10 7.04
N SER A 53 18.59 14.15 7.51
CA SER A 53 17.86 15.35 7.90
C SER A 53 18.75 16.58 7.80
N ILE A 54 18.09 17.73 7.75
CA ILE A 54 18.73 19.04 7.72
C ILE A 54 18.07 19.91 8.78
N SER A 55 18.92 20.64 9.54
CA SER A 55 18.59 21.41 10.72
C SER A 55 18.26 22.84 10.35
N PRO A 56 17.35 23.48 11.08
CA PRO A 56 17.01 24.87 10.79
C PRO A 56 18.14 25.81 11.18
N TYR A 57 18.17 26.95 10.49
CA TYR A 57 19.10 28.06 10.72
C TYR A 57 20.55 27.69 10.42
N SER A 58 21.04 26.58 10.98
CA SER A 58 22.43 26.18 10.72
C SER A 58 22.57 25.44 9.39
N GLY A 59 21.58 24.68 8.98
CA GLY A 59 21.76 23.82 7.83
C GLY A 59 22.61 22.59 8.05
N SER A 60 22.90 22.23 9.30
CA SER A 60 23.69 21.03 9.57
C SER A 60 22.95 19.79 9.08
N THR A 61 23.69 18.86 8.49
CA THR A 61 23.11 17.69 7.86
C THR A 61 23.51 16.42 8.59
N TYR A 62 22.59 15.45 8.61
CA TYR A 62 22.81 14.17 9.27
C TYR A 62 22.32 13.04 8.38
N TYR A 63 22.96 11.87 8.53
CA TYR A 63 22.74 10.76 7.62
C TYR A 63 22.80 9.44 8.39
N ALA A 64 22.05 8.46 7.89
CA ALA A 64 22.19 7.09 8.37
C ALA A 64 23.43 6.43 7.74
N ASP A 65 24.02 5.49 8.48
CA ASP A 65 25.22 4.80 8.00
C ASP A 65 24.98 4.15 6.65
N SER A 66 23.81 3.54 6.46
CA SER A 66 23.50 2.80 5.23
C SER A 66 23.48 3.72 4.01
N VAL A 67 23.71 5.00 4.21
CA VAL A 67 23.41 6.03 3.22
C VAL A 67 24.51 7.08 3.20
N LYS A 68 25.27 7.17 4.29
CA LYS A 68 26.28 8.21 4.43
C LYS A 68 27.34 8.09 3.35
N GLY A 69 27.76 9.23 2.81
CA GLY A 69 28.73 9.27 1.73
C GLY A 69 28.18 9.06 0.34
N ARG A 70 26.98 8.49 0.20
CA ARG A 70 26.34 8.35 -1.11
C ARG A 70 25.21 9.36 -1.33
N PHE A 71 24.53 9.77 -0.27
CA PHE A 71 23.41 10.71 -0.38
C PHE A 71 23.82 12.06 0.19
N THR A 72 23.21 13.11 -0.34
CA THR A 72 23.40 14.47 0.15
C THR A 72 22.03 15.13 0.27
N ILE A 73 21.69 15.58 1.46
CA ILE A 73 20.46 16.34 1.68
C ILE A 73 20.81 17.82 1.63
N SER A 74 19.91 18.62 1.05
CA SER A 74 20.15 20.06 0.98
C SER A 74 18.83 20.80 0.95
N ALA A 75 18.90 22.11 1.09
CA ALA A 75 17.72 22.98 1.05
C ALA A 75 18.02 24.20 0.20
N ASP A 76 16.99 24.68 -0.50
CA ASP A 76 17.06 25.87 -1.34
C ASP A 76 15.98 26.83 -0.87
N THR A 77 16.41 27.95 -0.28
CA THR A 77 15.49 28.94 0.26
C THR A 77 14.68 29.61 -0.84
N SER A 78 15.34 29.99 -1.94
CA SER A 78 14.64 30.70 -3.01
C SER A 78 13.52 29.84 -3.60
N LYS A 79 13.71 28.52 -3.64
CA LYS A 79 12.70 27.61 -4.13
C LYS A 79 11.84 27.01 -3.02
N ASN A 80 12.16 27.30 -1.75
CA ASN A 80 11.50 26.69 -0.60
C ASN A 80 11.43 25.17 -0.75
N THR A 81 12.53 24.56 -1.18
CA THR A 81 12.49 23.15 -1.54
C THR A 81 13.68 22.43 -0.94
N ALA A 82 13.44 21.24 -0.38
CA ALA A 82 14.51 20.38 0.09
C ALA A 82 14.79 19.29 -0.93
N TYR A 83 16.01 18.75 -0.87
CA TYR A 83 16.46 17.81 -1.88
C TYR A 83 17.21 16.65 -1.23
N LEU A 84 17.09 15.48 -1.85
CA LEU A 84 17.86 14.30 -1.51
C LEU A 84 18.54 13.83 -2.79
N GLN A 85 19.84 14.10 -2.89
CA GLN A 85 20.64 13.67 -4.03
C GLN A 85 21.22 12.30 -3.71
N MET A 86 20.87 11.31 -4.53
CA MET A 86 21.32 9.94 -4.34
C MET A 86 22.35 9.60 -5.41
N ASN A 87 23.46 8.99 -4.99
CA ASN A 87 24.55 8.60 -5.88
C ASN A 87 24.88 7.14 -5.65
N SER A 88 25.43 6.51 -6.69
CA SER A 88 25.74 5.08 -6.72
C SER A 88 24.57 4.25 -6.20
N LEU A 89 23.45 4.36 -6.93
CA LEU A 89 22.23 3.68 -6.53
C LEU A 89 22.40 2.17 -6.60
N ARG A 90 21.84 1.49 -5.60
CA ARG A 90 21.83 0.03 -5.55
C ARG A 90 20.39 -0.44 -5.37
N ALA A 91 20.16 -1.71 -5.71
CA ALA A 91 18.82 -2.28 -5.60
C ALA A 91 18.24 -2.14 -4.20
N GLU A 92 19.09 -2.19 -3.18
CA GLU A 92 18.64 -2.00 -1.80
C GLU A 92 18.12 -0.61 -1.53
N ASP A 93 18.31 0.34 -2.45
CA ASP A 93 17.76 1.69 -2.32
C ASP A 93 16.35 1.81 -2.86
N THR A 94 15.84 0.76 -3.52
CA THR A 94 14.47 0.79 -4.01
C THR A 94 13.51 0.93 -2.84
N ALA A 95 12.62 1.91 -2.91
CA ALA A 95 11.76 2.21 -1.76
C ALA A 95 10.82 3.35 -2.12
N VAL A 96 9.76 3.48 -1.34
CA VAL A 96 9.01 4.73 -1.30
C VAL A 96 9.74 5.70 -0.39
N TYR A 97 10.05 6.89 -0.91
CA TYR A 97 10.74 7.92 -0.16
C TYR A 97 9.76 9.00 0.23
N TYR A 98 9.75 9.33 1.52
CA TYR A 98 8.94 10.39 2.09
C TYR A 98 9.86 11.49 2.61
N CYS A 99 9.48 12.73 2.37
CA CYS A 99 10.03 13.83 3.14
C CYS A 99 9.05 14.21 4.24
N ALA A 100 9.57 14.76 5.32
CA ALA A 100 8.73 15.08 6.47
C ALA A 100 9.30 16.31 7.16
N ARG A 101 8.41 17.08 7.77
CA ARG A 101 8.80 18.25 8.54
C ARG A 101 8.79 17.88 10.02
N GLN A 102 9.91 18.11 10.70
CA GLN A 102 9.89 18.07 12.15
C GLN A 102 9.11 19.28 12.64
N GLY A 103 8.11 19.04 13.48
CA GLY A 103 7.18 20.08 13.88
C GLY A 103 7.79 21.10 14.84
N TYR A 104 6.91 21.96 15.34
CA TYR A 104 7.29 23.01 16.29
C TYR A 104 7.47 22.40 17.67
N ARG A 105 8.65 22.59 18.26
CA ARG A 105 8.96 22.07 19.59
C ARG A 105 7.81 22.30 20.57
N ARG A 106 7.31 23.54 20.60
CA ARG A 106 6.25 23.92 21.53
C ARG A 106 4.99 23.09 21.36
N ARG A 107 4.66 22.69 20.13
CA ARG A 107 3.40 22.03 19.86
C ARG A 107 3.52 20.52 19.67
N SER A 108 4.67 20.03 19.21
CA SER A 108 4.76 18.59 18.95
C SER A 108 6.17 18.04 19.19
N GLY A 109 6.98 18.69 20.03
CA GLY A 109 8.29 18.16 20.36
C GLY A 109 9.16 18.00 19.13
N ARG A 110 9.74 16.81 18.98
CA ARG A 110 10.54 16.48 17.80
C ARG A 110 9.79 15.54 16.86
N GLY A 111 8.49 15.41 17.03
CA GLY A 111 7.72 14.57 16.14
C GLY A 111 7.57 15.19 14.76
N PHE A 112 7.36 14.34 13.76
CA PHE A 112 7.20 14.77 12.38
C PHE A 112 5.72 15.03 12.13
N ASP A 113 5.33 16.30 11.97
CA ASP A 113 3.91 16.63 11.93
C ASP A 113 3.32 16.72 10.53
N TYR A 114 4.14 16.96 9.51
CA TYR A 114 3.67 16.91 8.13
C TYR A 114 4.56 15.99 7.32
N TRP A 115 3.95 15.26 6.39
CA TRP A 115 4.67 14.36 5.49
C TRP A 115 4.28 14.62 4.05
N GLY A 116 5.24 14.40 3.15
CA GLY A 116 4.92 14.35 1.74
C GLY A 116 4.11 13.11 1.39
N GLN A 117 3.66 13.06 0.14
CA GLN A 117 2.86 11.93 -0.32
C GLN A 117 3.71 10.68 -0.55
N GLY A 118 5.02 10.82 -0.65
CA GLY A 118 5.88 9.69 -0.93
C GLY A 118 6.00 9.44 -2.43
N THR A 119 7.18 8.99 -2.84
CA THR A 119 7.40 8.70 -4.25
C THR A 119 8.31 7.48 -4.37
N LEU A 120 7.95 6.59 -5.29
CA LEU A 120 8.67 5.33 -5.44
C LEU A 120 9.92 5.52 -6.31
N VAL A 121 11.07 5.09 -5.79
CA VAL A 121 12.29 4.97 -6.58
C VAL A 121 12.59 3.49 -6.75
N THR A 122 12.59 3.03 -8.00
CA THR A 122 12.93 1.65 -8.35
C THR A 122 14.29 1.64 -9.02
N VAL A 123 15.25 0.94 -8.42
CA VAL A 123 16.60 0.82 -8.95
C VAL A 123 16.68 -0.55 -9.63
N SER A 124 16.56 -0.56 -10.95
CA SER A 124 16.56 -1.81 -11.71
C SER A 124 17.15 -1.60 -13.09
N SER A 125 17.75 -2.67 -13.63
CA SER A 125 18.21 -2.69 -15.01
C SER A 125 17.09 -2.88 -16.01
N ALA A 126 15.88 -3.19 -15.57
CA ALA A 126 14.80 -3.53 -16.48
C ALA A 126 14.23 -2.29 -17.13
N SER A 127 13.41 -2.50 -18.14
CA SER A 127 12.90 -1.41 -18.97
C SER A 127 11.45 -1.10 -18.63
N THR A 128 11.01 0.08 -19.08
CA THR A 128 9.66 0.53 -18.82
C THR A 128 8.70 -0.11 -19.81
N LYS A 129 7.60 -0.69 -19.30
CA LYS A 129 6.54 -1.19 -20.15
C LYS A 129 5.21 -0.69 -19.61
N GLY A 130 4.38 -0.14 -20.50
CA GLY A 130 3.05 0.27 -20.15
C GLY A 130 2.12 -0.92 -20.05
N PRO A 131 0.99 -0.74 -19.37
CA PRO A 131 0.06 -1.85 -19.16
C PRO A 131 -0.98 -1.97 -20.28
N SER A 132 -1.43 -3.21 -20.46
CA SER A 132 -2.68 -3.46 -21.17
C SER A 132 -3.81 -3.51 -20.15
N VAL A 133 -4.97 -3.02 -20.55
CA VAL A 133 -6.14 -2.93 -19.67
C VAL A 133 -7.25 -3.74 -20.30
N PHE A 134 -7.65 -4.83 -19.63
CA PHE A 134 -8.70 -5.68 -20.15
C PHE A 134 -9.93 -5.63 -19.25
N PRO A 135 -11.13 -5.75 -19.81
CA PRO A 135 -12.33 -5.76 -18.98
C PRO A 135 -12.52 -7.08 -18.25
N LEU A 136 -13.11 -6.99 -17.07
CA LEU A 136 -13.62 -8.13 -16.32
C LEU A 136 -15.13 -7.98 -16.32
N ALA A 137 -15.80 -8.63 -17.26
CA ALA A 137 -17.20 -8.37 -17.50
C ALA A 137 -18.08 -9.06 -16.46
N PRO A 138 -19.20 -8.45 -16.09
CA PRO A 138 -20.13 -9.09 -15.16
C PRO A 138 -20.84 -10.28 -15.81
N SER A 139 -21.16 -11.27 -14.99
CA SER A 139 -21.70 -12.52 -15.50
C SER A 139 -23.22 -12.48 -15.55
N SER A 140 -23.78 -13.37 -16.36
CA SER A 140 -25.20 -13.43 -16.67
C SER A 140 -26.02 -14.01 -15.52
N LYS A 141 -25.39 -14.76 -14.63
CA LYS A 141 -26.09 -15.40 -13.53
C LYS A 141 -26.62 -14.34 -12.56
N GLY A 145 -25.04 -13.08 -4.03
CA GLY A 145 -25.36 -12.28 -2.87
C GLY A 145 -26.19 -11.04 -3.17
N GLY A 146 -26.98 -11.12 -4.24
CA GLY A 146 -27.87 -10.05 -4.64
C GLY A 146 -27.30 -9.07 -5.65
N THR A 147 -25.98 -8.94 -5.70
CA THR A 147 -25.32 -7.91 -6.49
C THR A 147 -24.50 -8.54 -7.61
N ALA A 148 -23.89 -7.68 -8.43
CA ALA A 148 -22.99 -8.12 -9.50
C ALA A 148 -21.60 -7.52 -9.27
N ALA A 149 -20.58 -8.23 -9.77
CA ALA A 149 -19.21 -7.76 -9.70
C ALA A 149 -18.65 -7.57 -11.11
N LEU A 150 -17.81 -6.56 -11.27
CA LEU A 150 -17.14 -6.29 -12.53
C LEU A 150 -15.81 -5.61 -12.22
N GLY A 151 -14.95 -5.53 -13.22
CA GLY A 151 -13.68 -4.89 -13.00
C GLY A 151 -12.87 -4.73 -14.26
N CYS A 152 -11.58 -4.44 -14.08
CA CYS A 152 -10.62 -4.43 -15.18
C CYS A 152 -9.30 -4.99 -14.71
N LEU A 153 -8.63 -5.72 -15.59
CA LEU A 153 -7.34 -6.31 -15.33
C LEU A 153 -6.27 -5.45 -15.97
N VAL A 154 -5.26 -5.07 -15.19
CA VAL A 154 -4.19 -4.19 -15.65
C VAL A 154 -2.91 -5.02 -15.66
N LYS A 155 -2.49 -5.47 -16.84
CA LYS A 155 -1.52 -6.54 -16.98
C LYS A 155 -0.25 -6.07 -17.66
N ASP A 156 0.89 -6.58 -17.19
CA ASP A 156 2.17 -6.50 -17.87
C ASP A 156 2.70 -5.06 -17.92
N TYR A 157 2.99 -4.49 -16.77
CA TYR A 157 3.59 -3.16 -16.70
C TYR A 157 4.79 -3.19 -15.78
N PHE A 158 5.60 -2.13 -15.86
CA PHE A 158 6.81 -1.98 -15.07
C PHE A 158 7.37 -0.57 -15.27
N PRO A 159 7.86 0.08 -14.20
CA PRO A 159 7.77 -0.45 -12.84
C PRO A 159 6.46 -0.05 -12.18
N GLU A 160 6.33 -0.29 -10.89
CA GLU A 160 5.23 0.26 -10.12
C GLU A 160 5.38 1.78 -10.05
N PRO A 161 4.29 2.51 -9.72
CA PRO A 161 2.94 2.03 -9.47
C PRO A 161 1.98 2.32 -10.62
N VAL A 162 0.77 1.79 -10.49
CA VAL A 162 -0.36 2.13 -11.35
C VAL A 162 -1.46 2.68 -10.43
N THR A 163 -2.25 3.62 -10.95
CA THR A 163 -3.43 4.10 -10.24
C THR A 163 -4.67 3.75 -11.04
N VAL A 164 -5.73 3.37 -10.34
CA VAL A 164 -7.00 3.01 -10.95
C VAL A 164 -8.11 3.76 -10.22
N SER A 165 -9.01 4.38 -10.97
CA SER A 165 -10.24 4.93 -10.45
C SER A 165 -11.39 4.43 -11.29
N TRP A 166 -12.60 4.65 -10.80
CA TRP A 166 -13.81 4.25 -11.52
C TRP A 166 -14.69 5.46 -11.74
N ASN A 167 -15.20 5.60 -12.97
CA ASN A 167 -16.09 6.69 -13.34
C ASN A 167 -15.49 8.03 -12.95
N SER A 168 -14.22 8.22 -13.30
CA SER A 168 -13.48 9.46 -13.08
C SER A 168 -13.37 9.82 -11.60
N GLY A 169 -13.75 8.91 -10.72
CA GLY A 169 -13.76 9.16 -9.29
C GLY A 169 -15.14 9.21 -8.68
N ALA A 170 -16.20 9.18 -9.51
CA ALA A 170 -17.56 9.22 -8.98
C ALA A 170 -18.00 7.91 -8.34
N LEU A 171 -17.28 6.81 -8.59
CA LEU A 171 -17.63 5.50 -8.05
C LEU A 171 -16.51 5.06 -7.12
N THR A 172 -16.79 5.05 -5.82
CA THR A 172 -15.79 4.64 -4.83
C THR A 172 -16.35 3.53 -3.93
N SER A 173 -17.66 3.50 -3.74
CA SER A 173 -18.27 2.48 -2.90
C SER A 173 -18.12 1.10 -3.54
N GLY A 174 -17.64 0.14 -2.76
CA GLY A 174 -17.53 -1.23 -3.21
C GLY A 174 -16.32 -1.52 -4.07
N VAL A 175 -15.44 -0.55 -4.29
CA VAL A 175 -14.24 -0.76 -5.11
C VAL A 175 -13.17 -1.47 -4.30
N HIS A 176 -12.54 -2.48 -4.90
CA HIS A 176 -11.35 -3.10 -4.34
C HIS A 176 -10.28 -3.12 -5.42
N THR A 177 -9.21 -2.37 -5.20
CA THR A 177 -8.06 -2.36 -6.10
C THR A 177 -6.95 -3.15 -5.43
N PHE A 178 -6.61 -4.31 -6.00
CA PHE A 178 -5.74 -5.24 -5.32
C PHE A 178 -4.28 -4.82 -5.43
N PRO A 179 -3.46 -5.24 -4.47
CA PRO A 179 -2.00 -5.06 -4.61
C PRO A 179 -1.51 -5.74 -5.87
N ALA A 180 -0.58 -5.08 -6.55
CA ALA A 180 0.03 -5.67 -7.73
C ALA A 180 0.78 -6.94 -7.35
N VAL A 181 0.82 -7.88 -8.28
CA VAL A 181 1.64 -9.08 -8.18
C VAL A 181 2.72 -9.02 -9.26
N LEU A 182 3.92 -9.45 -8.90
CA LEU A 182 5.01 -9.56 -9.86
C LEU A 182 4.91 -10.90 -10.56
N GLN A 183 4.67 -10.87 -11.87
CA GLN A 183 4.56 -12.11 -12.63
C GLN A 183 5.95 -12.69 -12.91
N SER A 184 5.96 -13.97 -13.34
CA SER A 184 7.22 -14.63 -13.65
C SER A 184 7.95 -13.96 -14.80
N SER A 185 7.24 -13.22 -15.65
CA SER A 185 7.86 -12.43 -16.70
C SER A 185 8.63 -11.23 -16.18
N GLY A 186 8.61 -10.98 -14.86
CA GLY A 186 9.19 -9.76 -14.32
C GLY A 186 8.36 -8.51 -14.50
N LEU A 187 7.13 -8.65 -15.02
CA LEU A 187 6.20 -7.54 -15.13
C LEU A 187 5.12 -7.68 -14.06
N TYR A 188 4.52 -6.55 -13.71
CA TYR A 188 3.46 -6.51 -12.71
C TYR A 188 2.09 -6.65 -13.36
N SER A 189 1.13 -7.11 -12.57
CA SER A 189 -0.27 -7.01 -12.94
C SER A 189 -1.12 -6.89 -11.69
N LEU A 190 -2.31 -6.32 -11.88
CA LEU A 190 -3.26 -6.17 -10.78
C LEU A 190 -4.64 -6.06 -11.38
N SER A 191 -5.64 -6.34 -10.55
CA SER A 191 -7.03 -6.14 -10.92
C SER A 191 -7.66 -5.12 -9.99
N SER A 192 -8.66 -4.42 -10.52
CA SER A 192 -9.54 -3.57 -9.72
C SER A 192 -10.97 -4.01 -9.97
N VAL A 193 -11.70 -4.31 -8.91
CA VAL A 193 -13.08 -4.76 -9.02
C VAL A 193 -13.97 -3.80 -8.24
N VAL A 194 -15.25 -3.82 -8.59
CA VAL A 194 -16.27 -3.10 -7.83
C VAL A 194 -17.55 -3.92 -7.90
N THR A 195 -18.32 -3.90 -6.82
CA THR A 195 -19.62 -4.53 -6.81
C THR A 195 -20.70 -3.47 -6.96
N VAL A 196 -21.70 -3.76 -7.79
CA VAL A 196 -22.74 -2.79 -8.14
C VAL A 196 -24.07 -3.54 -8.17
N PRO A 197 -25.21 -2.86 -8.18
CA PRO A 197 -26.48 -3.58 -8.26
C PRO A 197 -26.72 -4.15 -9.64
N SER A 198 -27.15 -5.42 -9.68
CA SER A 198 -27.41 -6.09 -10.95
C SER A 198 -28.40 -5.30 -11.81
N SER A 199 -29.42 -4.72 -11.17
CA SER A 199 -30.46 -3.99 -11.91
C SER A 199 -29.92 -2.82 -12.71
N SER A 200 -28.75 -2.30 -12.35
CA SER A 200 -28.20 -1.10 -12.97
C SER A 200 -27.21 -1.40 -14.08
N LEU A 201 -27.02 -2.67 -14.43
CA LEU A 201 -26.03 -3.02 -15.45
C LEU A 201 -26.45 -2.50 -16.82
N GLY A 202 -27.76 -2.50 -17.12
CA GLY A 202 -28.22 -1.98 -18.39
C GLY A 202 -28.20 -0.47 -18.46
N THR A 203 -28.32 0.21 -17.32
CA THR A 203 -28.52 1.66 -17.28
C THR A 203 -27.23 2.41 -16.99
N GLN A 204 -26.56 2.10 -15.88
CA GLN A 204 -25.39 2.88 -15.45
C GLN A 204 -24.15 2.44 -16.21
N THR A 205 -23.32 3.43 -16.57
CA THR A 205 -22.07 3.17 -17.27
C THR A 205 -20.94 3.01 -16.25
N TYR A 206 -20.01 2.11 -16.55
CA TYR A 206 -18.91 1.79 -15.65
C TYR A 206 -17.61 1.85 -16.44
N ILE A 207 -16.76 2.82 -16.13
CA ILE A 207 -15.51 3.04 -16.84
C ILE A 207 -14.37 3.02 -15.84
N CYS A 208 -13.33 2.28 -16.18
CA CYS A 208 -12.17 2.10 -15.32
C CYS A 208 -11.03 2.96 -15.86
N ASN A 209 -10.59 3.93 -15.07
CA ASN A 209 -9.56 4.89 -15.47
C ASN A 209 -8.22 4.44 -14.91
N VAL A 210 -7.30 4.07 -15.80
CA VAL A 210 -6.01 3.50 -15.43
C VAL A 210 -4.94 4.49 -15.85
N ASN A 211 -4.03 4.80 -14.93
CA ASN A 211 -2.89 5.65 -15.22
C ASN A 211 -1.61 4.97 -14.79
N HIS A 212 -0.66 4.87 -15.71
CA HIS A 212 0.68 4.38 -15.42
C HIS A 212 1.65 5.49 -15.84
N LYS A 213 1.99 6.36 -14.88
CA LYS A 213 2.80 7.53 -15.20
C LYS A 213 4.17 7.20 -15.80
N PRO A 214 4.92 6.20 -15.33
CA PRO A 214 6.27 5.99 -15.89
C PRO A 214 6.28 5.62 -17.37
N SER A 215 5.12 5.43 -18.00
CA SER A 215 5.04 5.15 -19.42
C SER A 215 4.04 6.05 -20.13
N ASN A 216 3.53 7.09 -19.46
CA ASN A 216 2.54 8.01 -20.01
C ASN A 216 1.33 7.28 -20.58
N THR A 217 0.96 6.16 -19.95
CA THR A 217 -0.21 5.41 -20.35
C THR A 217 -1.42 5.90 -19.55
N LYS A 218 -2.37 6.52 -20.24
CA LYS A 218 -3.69 6.79 -19.68
C LYS A 218 -4.69 6.00 -20.51
N VAL A 219 -5.50 5.18 -19.83
CA VAL A 219 -6.51 4.37 -20.49
C VAL A 219 -7.83 4.53 -19.73
N ASP A 220 -8.93 4.59 -20.48
CA ASP A 220 -10.27 4.47 -19.93
C ASP A 220 -10.97 3.33 -20.66
N LYS A 221 -11.30 2.27 -19.93
CA LYS A 221 -11.95 1.10 -20.50
C LYS A 221 -13.37 0.99 -19.94
N LYS A 222 -14.36 0.97 -20.84
CA LYS A 222 -15.73 0.68 -20.44
C LYS A 222 -15.88 -0.81 -20.18
N VAL A 223 -16.77 -1.15 -19.25
CA VAL A 223 -17.00 -2.53 -18.83
C VAL A 223 -18.49 -2.79 -18.93
N GLU A 224 -18.90 -3.59 -19.91
CA GLU A 224 -20.29 -3.95 -20.15
C GLU A 224 -20.42 -5.46 -20.17
N PRO A 225 -21.62 -5.99 -19.98
CA PRO A 225 -21.82 -7.43 -20.11
C PRO A 225 -21.61 -7.90 -21.54
N LYS A 226 -21.33 -9.19 -21.68
CA LYS A 226 -21.21 -9.81 -22.99
C LYS A 226 -22.58 -10.12 -23.56
N SER A 227 -22.68 -10.03 -24.89
CA SER A 227 -23.94 -10.37 -25.56
C SER A 227 -24.32 -11.82 -25.32
N CYS A 228 -23.38 -12.74 -25.60
CA CYS A 228 -23.56 -14.17 -25.33
C CYS A 228 -24.77 -14.75 -26.07
N ASP C 1 24.93 3.33 17.25
CA ASP C 1 23.57 3.70 16.87
C ASP C 1 22.57 3.20 17.89
N ILE C 2 21.56 4.02 18.17
CA ILE C 2 20.49 3.62 19.07
C ILE C 2 19.53 2.71 18.32
N GLN C 3 19.11 1.63 18.96
CA GLN C 3 18.22 0.66 18.36
C GLN C 3 16.89 0.68 19.10
N MET C 4 15.79 0.61 18.35
CA MET C 4 14.45 0.63 18.90
C MET C 4 13.75 -0.65 18.50
N THR C 5 13.18 -1.36 19.47
CA THR C 5 12.61 -2.68 19.22
C THR C 5 11.23 -2.76 19.83
N GLN C 6 10.23 -2.97 18.99
CA GLN C 6 8.84 -3.01 19.43
C GLN C 6 8.41 -4.45 19.68
N SER C 7 7.45 -4.60 20.58
CA SER C 7 6.84 -5.88 20.90
C SER C 7 5.36 -5.68 21.16
N PRO C 8 4.50 -6.56 20.62
CA PRO C 8 4.84 -7.64 19.69
C PRO C 8 5.09 -7.09 18.30
N SER C 9 5.51 -7.93 17.34
CA SER C 9 5.65 -7.44 15.97
C SER C 9 4.32 -7.41 15.23
N SER C 10 3.34 -8.19 15.67
CA SER C 10 2.02 -8.18 15.07
C SER C 10 1.03 -8.67 16.11
N LEU C 11 -0.21 -8.20 16.00
CA LEU C 11 -1.24 -8.60 16.95
C LEU C 11 -2.61 -8.46 16.31
N SER C 12 -3.55 -9.24 16.85
CA SER C 12 -4.94 -9.25 16.41
C SER C 12 -5.80 -9.04 17.64
N ALA C 13 -6.66 -8.02 17.59
CA ALA C 13 -7.49 -7.68 18.73
C ALA C 13 -8.89 -7.29 18.24
N SER C 14 -9.87 -7.48 19.12
CA SER C 14 -11.26 -7.22 18.77
C SER C 14 -11.60 -5.76 19.01
N VAL C 15 -12.65 -5.31 18.34
CA VAL C 15 -13.15 -3.95 18.55
C VAL C 15 -13.49 -3.79 20.03
N GLY C 16 -13.03 -2.69 20.62
CA GLY C 16 -13.20 -2.44 22.04
C GLY C 16 -12.08 -2.94 22.93
N ASP C 17 -11.18 -3.77 22.41
CA ASP C 17 -10.07 -4.28 23.22
C ASP C 17 -9.13 -3.13 23.58
N ARG C 18 -8.49 -3.27 24.74
CA ARG C 18 -7.38 -2.40 25.10
C ARG C 18 -6.10 -3.01 24.53
N VAL C 19 -5.41 -2.25 23.68
CA VAL C 19 -4.21 -2.72 23.00
C VAL C 19 -3.03 -1.95 23.56
N THR C 20 -1.96 -2.68 23.90
CA THR C 20 -0.72 -2.03 24.35
C THR C 20 0.44 -2.54 23.50
N ILE C 21 1.20 -1.60 22.98
CA ILE C 21 2.38 -1.86 22.17
C ILE C 21 3.58 -1.28 22.90
N THR C 22 4.69 -2.02 22.91
CA THR C 22 5.85 -1.62 23.68
C THR C 22 7.02 -1.39 22.73
N CYS C 23 7.94 -0.51 23.14
CA CYS C 23 9.10 -0.18 22.33
C CYS C 23 10.26 0.08 23.27
N ARG C 24 11.40 -0.57 23.03
CA ARG C 24 12.55 -0.50 23.91
C ARG C 24 13.74 0.11 23.16
N ALA C 25 14.30 1.16 23.73
CA ALA C 25 15.54 1.74 23.25
C ALA C 25 16.73 1.02 23.89
N SER C 26 17.75 0.75 23.08
CA SER C 26 18.94 0.07 23.59
C SER C 26 19.76 0.99 24.48
N GLN C 27 19.81 2.28 24.17
CA GLN C 27 20.48 3.28 24.97
C GLN C 27 19.46 4.29 25.46
N SER C 28 19.90 5.17 26.36
CA SER C 28 18.99 6.18 26.88
C SER C 28 18.59 7.16 25.77
N VAL C 29 17.41 7.75 25.92
CA VAL C 29 16.79 8.54 24.85
C VAL C 29 15.92 9.62 25.51
N SER C 30 15.74 9.52 26.82
CA SER C 30 15.21 10.61 27.64
C SER C 30 13.85 11.11 27.14
N SER C 31 12.98 10.17 26.77
CA SER C 31 11.60 10.46 26.36
C SER C 31 11.51 11.30 25.09
N ALA C 32 12.58 11.35 24.29
CA ALA C 32 12.48 11.89 22.93
C ALA C 32 11.97 10.82 21.96
N VAL C 33 10.73 10.38 22.21
CA VAL C 33 10.12 9.27 21.50
C VAL C 33 8.76 9.71 20.97
N ALA C 34 8.52 9.43 19.69
CA ALA C 34 7.23 9.68 19.05
C ALA C 34 6.64 8.38 18.55
N TRP C 35 5.31 8.32 18.52
CA TRP C 35 4.58 7.19 17.96
C TRP C 35 3.79 7.67 16.74
N TYR C 36 3.82 6.87 15.68
CA TYR C 36 3.11 7.12 14.43
C TYR C 36 2.23 5.93 14.07
N GLN C 37 1.16 6.25 13.34
CA GLN C 37 0.27 5.27 12.72
C GLN C 37 0.44 5.35 11.21
N GLN C 38 0.62 4.21 10.57
CA GLN C 38 0.78 4.17 9.11
C GLN C 38 -0.21 3.18 8.52
N LYS C 39 -1.13 3.68 7.70
CA LYS C 39 -1.96 2.85 6.83
C LYS C 39 -1.13 2.40 5.63
N PRO C 40 -1.46 1.27 5.03
CA PRO C 40 -0.63 0.73 3.94
C PRO C 40 -0.51 1.70 2.77
N GLY C 41 0.73 1.91 2.33
CA GLY C 41 1.04 2.81 1.23
C GLY C 41 0.80 4.28 1.48
N LYS C 42 0.45 4.68 2.70
CA LYS C 42 0.20 6.08 3.02
C LYS C 42 1.30 6.60 3.95
N ALA C 43 1.44 7.93 3.97
CA ALA C 43 2.40 8.54 4.88
C ALA C 43 2.00 8.24 6.32
N PRO C 44 2.97 8.02 7.21
CA PRO C 44 2.65 7.89 8.64
C PRO C 44 2.04 9.17 9.20
N LYS C 45 1.23 9.00 10.24
CA LYS C 45 0.59 10.11 10.94
C LYS C 45 1.05 10.12 12.39
N LEU C 46 1.47 11.30 12.86
CA LEU C 46 1.96 11.42 14.23
C LEU C 46 0.83 11.21 15.22
N LEU C 47 1.08 10.39 16.23
CA LEU C 47 0.13 10.15 17.31
C LEU C 47 0.61 10.72 18.63
N ILE C 48 1.83 10.39 19.03
CA ILE C 48 2.34 10.75 20.35
C ILE C 48 3.71 11.38 20.17
N TYR C 49 3.99 12.44 20.92
CA TYR C 49 5.31 13.05 20.90
C TYR C 49 5.81 13.20 22.34
N SER C 50 7.13 13.31 22.48
CA SER C 50 7.76 13.47 23.78
C SER C 50 7.29 12.36 24.74
N ALA C 51 7.23 11.13 24.21
CA ALA C 51 6.87 9.92 24.93
C ALA C 51 5.41 9.85 25.37
N SER C 52 4.83 10.95 25.84
CA SER C 52 3.53 10.85 26.50
C SER C 52 2.54 11.95 26.15
N SER C 53 2.81 12.80 25.18
CA SER C 53 1.92 13.90 24.84
C SER C 53 1.10 13.55 23.60
N LEU C 54 -0.21 13.72 23.70
CA LEU C 54 -1.11 13.45 22.60
C LEU C 54 -1.04 14.56 21.56
N TYR C 55 -0.79 14.20 20.32
CA TYR C 55 -0.71 15.20 19.26
C TYR C 55 -2.08 15.78 18.97
N SER C 56 -2.10 17.08 18.64
CA SER C 56 -3.34 17.78 18.30
C SER C 56 -4.15 17.05 17.25
N GLY C 57 -5.43 16.84 17.56
CA GLY C 57 -6.34 16.20 16.64
C GLY C 57 -6.40 14.69 16.72
N VAL C 58 -5.54 14.07 17.51
CA VAL C 58 -5.51 12.60 17.60
C VAL C 58 -6.57 12.17 18.63
N PRO C 59 -7.38 11.16 18.33
CA PRO C 59 -8.43 10.75 19.28
C PRO C 59 -7.85 10.38 20.63
N SER C 60 -8.65 10.65 21.67
CA SER C 60 -8.20 10.48 23.06
C SER C 60 -7.95 9.03 23.44
N ARG C 61 -8.38 8.06 22.63
CA ARG C 61 -8.11 6.67 22.95
C ARG C 61 -6.64 6.30 22.83
N PHE C 62 -5.84 7.14 22.16
CA PHE C 62 -4.41 6.92 22.07
C PHE C 62 -3.70 7.62 23.22
N SER C 63 -2.77 6.92 23.87
CA SER C 63 -1.92 7.54 24.88
C SER C 63 -0.53 6.92 24.84
N GLY C 64 0.43 7.65 25.39
CA GLY C 64 1.78 7.15 25.48
C GLY C 64 2.31 7.26 26.90
N SER C 65 3.26 6.38 27.23
CA SER C 65 3.81 6.32 28.57
C SER C 65 5.28 5.95 28.50
N ARG C 66 6.05 6.41 29.49
CA ARG C 66 7.47 6.11 29.60
C ARG C 66 7.76 5.43 30.92
N SER C 67 8.72 4.49 30.88
CA SER C 67 9.26 3.85 32.08
C SER C 67 10.71 3.47 31.76
N GLY C 68 11.64 4.29 32.24
CA GLY C 68 13.04 4.07 31.91
C GLY C 68 13.27 4.22 30.43
N THR C 69 13.78 3.15 29.80
CA THR C 69 13.99 3.12 28.36
C THR C 69 12.91 2.32 27.63
N ASP C 70 11.79 2.05 28.30
CA ASP C 70 10.68 1.32 27.70
C ASP C 70 9.49 2.26 27.56
N PHE C 71 8.87 2.26 26.37
CA PHE C 71 7.83 3.20 26.02
C PHE C 71 6.62 2.42 25.56
N THR C 72 5.43 2.88 25.94
CA THR C 72 4.22 2.14 25.63
C THR C 72 3.21 3.04 24.93
N LEU C 73 2.71 2.57 23.79
CA LEU C 73 1.54 3.14 23.14
C LEU C 73 0.32 2.32 23.54
N THR C 74 -0.72 2.99 24.04
CA THR C 74 -1.95 2.34 24.44
C THR C 74 -3.10 2.86 23.59
N ILE C 75 -3.87 1.95 23.02
CA ILE C 75 -5.18 2.25 22.44
C ILE C 75 -6.20 1.74 23.45
N SER C 76 -6.95 2.68 24.05
CA SER C 76 -7.84 2.33 25.16
C SER C 76 -8.96 1.41 24.73
N SER C 77 -9.56 1.65 23.56
CA SER C 77 -10.61 0.77 23.06
C SER C 77 -10.54 0.77 21.54
N LEU C 78 -10.11 -0.36 21.00
CA LEU C 78 -9.71 -0.45 19.60
C LEU C 78 -10.91 -0.23 18.68
N GLN C 79 -10.70 0.58 17.63
CA GLN C 79 -11.69 0.87 16.62
C GLN C 79 -11.32 0.21 15.29
N PRO C 80 -12.31 -0.12 14.44
CA PRO C 80 -11.97 -0.80 13.18
C PRO C 80 -11.05 0.01 12.29
N GLU C 81 -11.16 1.34 12.32
CA GLU C 81 -10.27 2.19 11.54
C GLU C 81 -8.87 2.28 12.13
N ASP C 82 -8.59 1.60 13.24
CA ASP C 82 -7.26 1.61 13.83
C ASP C 82 -6.35 0.54 13.25
N PHE C 83 -6.84 -0.30 12.35
CA PHE C 83 -5.98 -1.24 11.65
C PHE C 83 -4.84 -0.47 10.97
N ALA C 84 -3.61 -0.90 11.25
CA ALA C 84 -2.46 -0.14 10.75
C ALA C 84 -1.16 -0.75 11.23
N THR C 85 -0.02 -0.21 10.81
CA THR C 85 1.25 -0.53 11.42
C THR C 85 1.70 0.67 12.26
N TYR C 86 2.05 0.40 13.52
CA TYR C 86 2.42 1.46 14.45
C TYR C 86 3.93 1.44 14.66
N TYR C 87 4.53 2.64 14.65
CA TYR C 87 5.98 2.79 14.71
C TYR C 87 6.35 3.71 15.86
N CYS C 88 7.35 3.30 16.64
CA CYS C 88 8.00 4.23 17.55
C CYS C 88 9.25 4.80 16.88
N GLN C 89 9.68 5.97 17.37
CA GLN C 89 10.86 6.62 16.80
C GLN C 89 11.56 7.40 17.91
N GLN C 90 12.88 7.28 17.98
CA GLN C 90 13.68 8.08 18.90
C GLN C 90 14.33 9.24 18.15
N SER C 91 14.28 10.41 18.76
CA SER C 91 14.93 11.61 18.24
C SER C 91 15.81 12.24 19.31
N TYR C 92 16.45 11.41 20.13
CA TYR C 92 17.39 11.91 21.13
C TYR C 92 18.76 12.15 20.54
N SER C 93 19.18 11.30 19.59
CA SER C 93 20.50 11.43 19.00
C SER C 93 20.45 11.01 17.54
N PHE C 94 21.26 11.66 16.74
CA PHE C 94 21.44 11.26 15.36
C PHE C 94 22.43 10.11 15.28
N PRO C 95 22.21 9.13 14.39
CA PRO C 95 21.08 9.08 13.47
C PRO C 95 19.76 8.67 14.14
N SER C 96 18.65 9.28 13.71
CA SER C 96 17.36 8.88 14.22
C SER C 96 17.01 7.49 13.74
N THR C 97 16.21 6.78 14.53
CA THR C 97 15.88 5.39 14.23
C THR C 97 14.44 5.08 14.57
N PHE C 98 13.76 4.38 13.67
CA PHE C 98 12.42 3.89 13.89
C PHE C 98 12.46 2.47 14.44
N GLY C 99 11.48 2.13 15.25
CA GLY C 99 11.21 0.73 15.54
C GLY C 99 10.83 -0.03 14.28
N GLN C 100 10.79 -1.35 14.41
CA GLN C 100 10.48 -2.19 13.26
C GLN C 100 9.00 -2.22 12.91
N GLY C 101 8.14 -1.66 13.77
CA GLY C 101 6.71 -1.64 13.50
C GLY C 101 5.96 -2.79 14.13
N THR C 102 4.75 -2.52 14.63
CA THR C 102 3.83 -3.58 15.03
C THR C 102 2.55 -3.45 14.22
N LYS C 103 2.23 -4.50 13.46
CA LYS C 103 1.03 -4.51 12.65
C LYS C 103 -0.16 -4.91 13.52
N VAL C 104 -1.18 -4.05 13.53
CA VAL C 104 -2.40 -4.26 14.28
C VAL C 104 -3.51 -4.62 13.31
N GLU C 105 -4.06 -5.83 13.48
CA GLU C 105 -5.19 -6.36 12.73
C GLU C 105 -6.42 -6.42 13.64
N ILE C 106 -7.58 -6.14 13.05
CA ILE C 106 -8.85 -6.21 13.78
C ILE C 106 -9.39 -7.63 13.67
N LYS C 107 -9.54 -8.29 14.82
CA LYS C 107 -10.23 -9.57 14.88
C LYS C 107 -11.74 -9.32 14.87
N ARG C 108 -12.45 -10.02 14.00
CA ARG C 108 -13.90 -9.89 13.93
C ARG C 108 -14.52 -11.27 13.79
N THR C 109 -15.86 -11.31 13.67
CA THR C 109 -16.55 -12.57 13.48
C THR C 109 -16.24 -13.15 12.10
N VAL C 110 -16.57 -14.42 11.92
CA VAL C 110 -16.35 -15.09 10.64
C VAL C 110 -17.34 -14.58 9.62
N ALA C 111 -16.84 -14.28 8.41
CA ALA C 111 -17.66 -13.82 7.31
C ALA C 111 -17.28 -14.57 6.05
N ALA C 112 -18.26 -15.20 5.40
CA ALA C 112 -17.94 -16.04 4.25
C ALA C 112 -17.76 -15.17 3.00
N PRO C 113 -16.83 -15.53 2.12
CA PRO C 113 -16.65 -14.76 0.89
C PRO C 113 -17.81 -14.96 -0.07
N SER C 114 -18.09 -13.92 -0.84
CA SER C 114 -18.86 -14.07 -2.07
C SER C 114 -17.88 -14.27 -3.22
N VAL C 115 -18.15 -15.26 -4.06
CA VAL C 115 -17.19 -15.71 -5.07
C VAL C 115 -17.72 -15.34 -6.45
N PHE C 116 -16.83 -14.80 -7.27
CA PHE C 116 -17.13 -14.46 -8.65
C PHE C 116 -16.00 -14.98 -9.53
N ILE C 117 -16.34 -15.41 -10.74
CA ILE C 117 -15.34 -15.88 -11.70
C ILE C 117 -15.47 -15.05 -12.98
N PHE C 118 -14.33 -14.76 -13.61
CA PHE C 118 -14.27 -13.88 -14.77
C PHE C 118 -13.48 -14.59 -15.88
N PRO C 119 -14.08 -14.83 -17.04
CA PRO C 119 -13.33 -15.42 -18.15
C PRO C 119 -12.40 -14.39 -18.75
N PRO C 120 -11.40 -14.82 -19.54
CA PRO C 120 -10.59 -13.85 -20.27
C PRO C 120 -11.45 -13.07 -21.26
N SER C 121 -10.98 -11.87 -21.59
CA SER C 121 -11.62 -11.08 -22.62
C SER C 121 -11.14 -11.52 -24.00
N ASP C 122 -12.04 -11.42 -24.98
CA ASP C 122 -11.64 -11.65 -26.38
C ASP C 122 -10.46 -10.75 -26.75
N GLU C 123 -10.50 -9.51 -26.25
CA GLU C 123 -9.44 -8.55 -26.50
C GLU C 123 -8.09 -9.10 -26.08
N GLN C 124 -8.02 -9.69 -24.87
CA GLN C 124 -6.78 -10.29 -24.42
C GLN C 124 -6.45 -11.56 -25.21
N LEU C 125 -7.49 -12.31 -25.60
CA LEU C 125 -7.26 -13.54 -26.35
C LEU C 125 -6.56 -13.26 -27.67
N LYS C 126 -6.89 -12.13 -28.33
CA LYS C 126 -6.13 -11.72 -29.51
C LYS C 126 -4.62 -11.67 -29.24
N SER C 127 -4.19 -11.53 -27.99
CA SER C 127 -2.79 -11.31 -27.67
C SER C 127 -2.03 -12.60 -27.40
N GLY C 128 -2.69 -13.75 -27.32
CA GLY C 128 -2.03 -15.02 -27.11
C GLY C 128 -1.95 -15.51 -25.69
N THR C 129 -2.45 -14.74 -24.72
CA THR C 129 -2.55 -15.18 -23.33
C THR C 129 -3.99 -15.05 -22.87
N ALA C 130 -4.37 -15.88 -21.90
CA ALA C 130 -5.68 -15.84 -21.28
C ALA C 130 -5.51 -15.74 -19.77
N SER C 131 -6.15 -14.75 -19.16
CA SER C 131 -6.19 -14.62 -17.71
C SER C 131 -7.60 -14.91 -17.22
N VAL C 132 -7.71 -15.87 -16.31
CA VAL C 132 -8.96 -16.19 -15.64
C VAL C 132 -8.86 -15.68 -14.21
N VAL C 133 -9.88 -14.95 -13.76
CA VAL C 133 -9.83 -14.27 -12.47
C VAL C 133 -10.96 -14.79 -11.60
N CYS C 134 -10.64 -15.13 -10.36
CA CYS C 134 -11.60 -15.52 -9.34
C CYS C 134 -11.54 -14.49 -8.22
N LEU C 135 -12.69 -13.95 -7.85
CA LEU C 135 -12.78 -12.92 -6.82
C LEU C 135 -13.44 -13.48 -5.57
N LEU C 136 -12.78 -13.31 -4.42
CA LEU C 136 -13.33 -13.65 -3.11
C LEU C 136 -13.56 -12.32 -2.39
N ASN C 137 -14.83 -11.96 -2.18
CA ASN C 137 -15.18 -10.62 -1.74
C ASN C 137 -15.66 -10.64 -0.28
N ASN C 138 -15.04 -9.81 0.55
CA ASN C 138 -15.55 -9.41 1.87
C ASN C 138 -15.70 -10.63 2.79
N PHE C 139 -14.57 -11.16 3.20
CA PHE C 139 -14.53 -12.34 4.07
C PHE C 139 -13.58 -12.13 5.23
N TYR C 140 -13.71 -13.00 6.23
CA TYR C 140 -12.86 -13.02 7.42
C TYR C 140 -13.00 -14.40 8.05
N PRO C 141 -11.90 -15.03 8.48
CA PRO C 141 -10.52 -14.52 8.49
C PRO C 141 -9.84 -14.53 7.13
N ARG C 142 -8.57 -14.08 7.11
CA ARG C 142 -7.82 -13.94 5.86
C ARG C 142 -7.53 -15.27 5.19
N GLU C 143 -7.33 -16.33 5.98
CA GLU C 143 -6.95 -17.62 5.43
C GLU C 143 -8.06 -18.18 4.54
N ALA C 144 -7.71 -18.51 3.31
CA ALA C 144 -8.66 -19.11 2.38
C ALA C 144 -7.87 -19.94 1.36
N LYS C 145 -8.55 -20.94 0.81
CA LYS C 145 -7.97 -21.86 -0.16
C LYS C 145 -8.71 -21.70 -1.49
N VAL C 146 -8.00 -21.27 -2.52
CA VAL C 146 -8.54 -21.15 -3.86
C VAL C 146 -7.89 -22.23 -4.71
N GLN C 147 -8.69 -23.09 -5.32
CA GLN C 147 -8.19 -24.14 -6.19
C GLN C 147 -8.82 -24.01 -7.57
N TRP C 148 -7.96 -23.95 -8.59
CA TRP C 148 -8.41 -23.86 -9.97
C TRP C 148 -8.54 -25.26 -10.57
N LYS C 149 -9.60 -25.48 -11.33
CA LYS C 149 -9.76 -26.69 -12.11
C LYS C 149 -10.05 -26.34 -13.57
N VAL C 150 -9.38 -27.04 -14.49
CA VAL C 150 -9.62 -26.92 -15.91
C VAL C 150 -10.04 -28.30 -16.42
N ASP C 151 -11.25 -28.39 -16.98
CA ASP C 151 -11.87 -29.68 -17.33
C ASP C 151 -11.67 -30.71 -16.23
N ASN C 152 -11.91 -30.28 -14.99
CA ASN C 152 -11.88 -31.12 -13.81
C ASN C 152 -10.47 -31.58 -13.44
N ALA C 153 -9.42 -30.97 -13.97
CA ALA C 153 -8.06 -31.28 -13.53
C ALA C 153 -7.52 -30.14 -12.67
N LEU C 154 -6.94 -30.50 -11.52
CA LEU C 154 -6.45 -29.50 -10.59
C LEU C 154 -5.22 -28.82 -11.16
N GLN C 155 -5.20 -27.50 -11.09
CA GLN C 155 -4.11 -26.70 -11.62
C GLN C 155 -3.07 -26.45 -10.53
N SER C 156 -1.81 -26.35 -10.94
CA SER C 156 -0.72 -26.12 -10.00
C SER C 156 0.36 -25.30 -10.67
N GLY C 157 0.86 -24.29 -9.96
CA GLY C 157 1.97 -23.49 -10.43
C GLY C 157 1.65 -22.38 -11.39
N ASN C 158 0.38 -22.25 -11.82
CA ASN C 158 0.03 -21.26 -12.83
C ASN C 158 -0.97 -20.22 -12.31
N SER C 159 -1.05 -20.02 -10.99
CA SER C 159 -1.92 -19.00 -10.44
C SER C 159 -1.16 -18.15 -9.45
N GLN C 160 -1.67 -16.94 -9.21
CA GLN C 160 -1.14 -16.04 -8.21
C GLN C 160 -2.30 -15.36 -7.51
N GLU C 161 -2.09 -15.02 -6.23
CA GLU C 161 -3.10 -14.42 -5.39
C GLU C 161 -2.65 -13.06 -4.90
N SER C 162 -3.62 -12.15 -4.74
CA SER C 162 -3.40 -10.88 -4.07
C SER C 162 -4.58 -10.63 -3.13
N VAL C 163 -4.31 -9.99 -2.00
CA VAL C 163 -5.35 -9.72 -1.00
C VAL C 163 -5.30 -8.25 -0.59
N THR C 164 -6.47 -7.64 -0.47
CA THR C 164 -6.57 -6.26 -0.03
C THR C 164 -6.18 -6.12 1.44
N GLU C 165 -5.96 -4.87 1.83
CA GLU C 165 -5.89 -4.53 3.24
C GLU C 165 -7.26 -4.67 3.89
N GLN C 166 -7.26 -4.84 5.20
CA GLN C 166 -8.50 -4.92 5.96
C GLN C 166 -9.36 -3.68 5.74
N ASP C 167 -10.65 -3.89 5.50
CA ASP C 167 -11.58 -2.78 5.34
C ASP C 167 -11.66 -1.96 6.62
N SER C 168 -11.73 -0.64 6.48
CA SER C 168 -11.71 0.24 7.64
C SER C 168 -13.02 0.28 8.42
N LYS C 169 -14.11 -0.23 7.86
CA LYS C 169 -15.40 -0.25 8.55
C LYS C 169 -15.86 -1.64 8.98
N ASP C 170 -15.72 -2.65 8.13
CA ASP C 170 -16.19 -3.99 8.47
C ASP C 170 -15.06 -5.00 8.67
N SER C 171 -13.81 -4.57 8.56
CA SER C 171 -12.64 -5.38 8.91
C SER C 171 -12.52 -6.65 8.07
N THR C 172 -13.15 -6.71 6.90
CA THR C 172 -13.06 -7.88 6.05
C THR C 172 -11.93 -7.72 5.02
N TYR C 173 -11.62 -8.83 4.35
CA TYR C 173 -10.64 -8.89 3.29
C TYR C 173 -11.33 -9.23 1.98
N SER C 174 -10.65 -8.92 0.88
CA SER C 174 -11.00 -9.49 -0.41
C SER C 174 -9.74 -10.04 -1.06
N LEU C 175 -9.92 -11.03 -1.93
CA LEU C 175 -8.78 -11.73 -2.52
C LEU C 175 -9.08 -11.99 -3.98
N SER C 176 -8.06 -11.83 -4.81
CA SER C 176 -8.12 -12.20 -6.22
C SER C 176 -7.17 -13.36 -6.45
N SER C 177 -7.60 -14.33 -7.23
CA SER C 177 -6.73 -15.36 -7.77
C SER C 177 -6.78 -15.28 -9.28
N THR C 178 -5.61 -15.24 -9.92
CA THR C 178 -5.52 -15.10 -11.36
C THR C 178 -4.84 -16.34 -11.93
N LEU C 179 -5.53 -17.03 -12.82
CA LEU C 179 -5.01 -18.21 -13.51
C LEU C 179 -4.54 -17.77 -14.89
N THR C 180 -3.28 -18.04 -15.20
CA THR C 180 -2.66 -17.58 -16.44
C THR C 180 -2.42 -18.78 -17.36
N LEU C 181 -3.01 -18.74 -18.55
CA LEU C 181 -2.89 -19.82 -19.52
C LEU C 181 -2.52 -19.24 -20.88
N SER C 182 -1.78 -20.03 -21.66
CA SER C 182 -1.64 -19.72 -23.07
C SER C 182 -3.01 -19.76 -23.73
N LYS C 183 -3.18 -18.92 -24.77
CA LYS C 183 -4.39 -18.99 -25.59
C LYS C 183 -4.60 -20.41 -26.10
N ALA C 184 -3.52 -21.07 -26.54
CA ALA C 184 -3.62 -22.44 -27.03
C ALA C 184 -4.30 -23.35 -26.01
N ASP C 185 -3.76 -23.38 -24.78
CA ASP C 185 -4.32 -24.23 -23.73
C ASP C 185 -5.74 -23.83 -23.39
N TYR C 186 -6.00 -22.52 -23.29
CA TYR C 186 -7.36 -22.06 -22.99
C TYR C 186 -8.37 -22.57 -24.02
N GLU C 187 -8.01 -22.54 -25.30
CA GLU C 187 -8.93 -22.95 -26.35
C GLU C 187 -9.11 -24.46 -26.41
N LYS C 188 -8.24 -25.24 -25.78
CA LYS C 188 -8.33 -26.69 -25.79
C LYS C 188 -9.34 -27.25 -24.80
N HIS C 189 -9.87 -26.43 -23.89
CA HIS C 189 -10.66 -26.96 -22.80
C HIS C 189 -11.92 -26.12 -22.59
N LYS C 190 -12.89 -26.72 -21.91
CA LYS C 190 -14.25 -26.18 -21.82
C LYS C 190 -14.58 -25.57 -20.45
N VAL C 191 -14.36 -26.30 -19.36
CA VAL C 191 -14.86 -25.91 -18.05
C VAL C 191 -13.72 -25.31 -17.21
N TYR C 192 -13.92 -24.07 -16.77
CA TYR C 192 -12.96 -23.36 -15.92
C TYR C 192 -13.64 -23.03 -14.61
N ALA C 193 -13.09 -23.52 -13.50
CA ALA C 193 -13.73 -23.41 -12.20
C ALA C 193 -12.71 -23.00 -11.14
N CYS C 194 -13.14 -22.19 -10.19
CA CYS C 194 -12.38 -21.94 -8.98
C CYS C 194 -13.19 -22.41 -7.80
N GLU C 195 -12.59 -23.25 -6.95
CA GLU C 195 -13.25 -23.82 -5.80
C GLU C 195 -12.66 -23.19 -4.55
N VAL C 196 -13.50 -22.64 -3.69
CA VAL C 196 -13.08 -21.83 -2.55
C VAL C 196 -13.44 -22.57 -1.27
N THR C 197 -12.45 -22.73 -0.39
CA THR C 197 -12.66 -23.26 0.95
C THR C 197 -12.37 -22.17 1.97
N HIS C 198 -13.26 -22.00 2.93
CA HIS C 198 -13.12 -20.94 3.92
C HIS C 198 -13.92 -21.32 5.16
N GLN C 199 -13.42 -20.89 6.32
CA GLN C 199 -14.10 -21.15 7.60
C GLN C 199 -15.59 -20.86 7.55
N GLY C 200 -15.98 -19.79 6.86
CA GLY C 200 -17.37 -19.38 6.79
C GLY C 200 -18.26 -20.18 5.86
N LEU C 201 -17.71 -21.16 5.15
CA LEU C 201 -18.46 -22.00 4.21
C LEU C 201 -18.53 -23.42 4.73
N SER C 202 -19.74 -23.98 4.80
CA SER C 202 -19.90 -25.34 5.29
C SER C 202 -19.29 -26.36 4.34
N SER C 203 -19.39 -26.10 3.03
CA SER C 203 -18.74 -26.91 2.02
C SER C 203 -18.17 -25.99 0.96
N PRO C 204 -17.13 -26.42 0.25
CA PRO C 204 -16.48 -25.56 -0.74
C PRO C 204 -17.46 -25.00 -1.77
N VAL C 205 -17.24 -23.75 -2.14
CA VAL C 205 -18.06 -23.07 -3.13
C VAL C 205 -17.30 -23.05 -4.45
N THR C 206 -17.97 -23.48 -5.52
CA THR C 206 -17.37 -23.54 -6.86
C THR C 206 -18.10 -22.59 -7.79
N LYS C 207 -17.35 -21.69 -8.40
CA LYS C 207 -17.84 -20.88 -9.50
C LYS C 207 -17.15 -21.35 -10.78
N SER C 208 -17.90 -21.44 -11.87
CA SER C 208 -17.32 -21.88 -13.14
C SER C 208 -18.02 -21.22 -14.30
N PHE C 209 -17.40 -21.34 -15.48
CA PHE C 209 -18.00 -20.98 -16.74
C PHE C 209 -17.52 -21.97 -17.80
N ASN C 210 -18.26 -22.03 -18.90
CA ASN C 210 -17.89 -22.82 -20.08
C ASN C 210 -17.40 -21.87 -21.17
N ARG C 211 -16.16 -22.07 -21.62
CA ARG C 211 -15.63 -21.29 -22.72
C ARG C 211 -16.53 -21.43 -23.95
N GLY C 212 -17.08 -20.31 -24.41
CA GLY C 212 -17.90 -20.30 -25.60
C GLY C 212 -19.34 -20.73 -25.36
C G4A D . 33.97 24.26 41.89
C2 G4A D . 32.56 24.19 43.74
C3 G4A D . 33.21 24.88 42.79
C10 G4A D . 27.93 29.04 47.54
C11 G4A D . 28.67 26.89 47.12
C12 G4A D . 28.77 28.22 46.90
C13 G4A D . 30.42 27.49 45.55
C14 G4A D . 26.96 28.57 48.43
C15 G4A D . 26.88 27.21 48.65
C16 G4A D . 27.76 26.39 47.97
C17 G4A D . 30.19 29.89 45.49
C18 G4A D . 29.08 30.86 45.13
C19 G4A D . 29.59 31.93 44.16
C4 G4A D . 32.11 26.27 43.99
C5 G4A D . 31.57 27.60 44.54
C6 G4A D . 33.43 27.31 42.14
C7 G4A D . 34.10 22.87 41.92
C8 G4A D . 33.43 22.16 42.91
C9 G4A D . 32.64 22.87 43.82
N20 G4A D . 32.92 26.18 42.96
N21 G4A D . 29.75 28.54 46.00
O22 G4A D . 31.88 25.08 44.50
O23 G4A D . 27.08 31.89 43.05
O24 G4A D . 28.90 30.66 41.82
O25 G4A D . 28.85 33.16 41.82
S26 G4A D . 29.80 26.13 46.23
S27 G4A D . 28.55 31.91 42.65
#